data_8WBV
#
_entry.id   8WBV
#
_cell.length_a   55.790
_cell.length_b   75.850
_cell.length_c   97.010
_cell.angle_alpha   90.00
_cell.angle_beta   90.00
_cell.angle_gamma   90.00
#
_symmetry.space_group_name_H-M   'P 21 21 21'
#
loop_
_entity.id
_entity.type
_entity.pdbx_description
1 polymer 'Cellobiose 2-epimerase'
2 non-polymer D-mannose
3 non-polymer beta-D-mannopyranose
4 non-polymer 1,2-ETHANEDIOL
5 water water
#
_entity_poly.entity_id   1
_entity_poly.type   'polypeptide(L)'
_entity_poly.pdbx_seq_one_letter_code
;GSMDITRFKEDLKAHLEEKIIPFWQSLKDDEFGGYYGYMDFNLNIDRKAQKGCILNSRILWFFSACYNVLKSEKCKEMAF
HAFEFLKNKFWDKEYEGLFWSVSHKGVPVDVTKHVYVQAFGIYGLSEYYEASGDEEALHMAKRLFEILETKCKRENGYTE
QFERNWQEKENRFLSENGVIASKTMNTHLHVLESYTNLYRLLKLDDVYEALEWIVRLFVDKIYKKGTGHFKVFCDDNWNE
LIKAVSYGFDIEASWLLDQAAKYLKDEKLKEEVEKLALEVAQITLKEAFDGQSLINEMIEDRIDRSKIWWVEAETVVGFF
NAYQKTKEEKYLDAAIKTWEFIKEHLVDRRKNSEWLWKVNEDLEAVNMPIVEQWKCPYHNGRMCLEIIKRV
;
_entity_poly.pdbx_strand_id   A
#
loop_
_chem_comp.id
_chem_comp.type
_chem_comp.name
_chem_comp.formula
BMA D-saccharide, beta linking beta-D-mannopyranose 'C6 H12 O6'
DNO D-saccharide D-mannose 'C6 H12 O6'
EDO non-polymer 1,2-ETHANEDIOL 'C2 H6 O2'
#
# COMPACT_ATOMS: atom_id res chain seq x y z
N GLY A 1 7.62 -13.66 -21.31
CA GLY A 1 8.90 -13.91 -20.67
C GLY A 1 10.07 -14.07 -21.63
N SER A 2 11.28 -13.77 -21.14
CA SER A 2 12.50 -13.90 -21.94
C SER A 2 13.69 -14.00 -20.99
N MET A 3 14.89 -13.87 -21.55
CA MET A 3 16.10 -13.92 -20.72
C MET A 3 16.24 -12.68 -19.85
N ASP A 4 15.86 -11.50 -20.37
CA ASP A 4 15.93 -10.28 -19.57
C ASP A 4 14.94 -10.33 -18.41
N ILE A 5 13.75 -10.88 -18.63
CA ILE A 5 12.73 -10.92 -17.57
C ILE A 5 13.13 -11.90 -16.47
N THR A 6 13.69 -13.05 -16.86
CA THR A 6 14.18 -14.02 -15.88
C THR A 6 15.27 -13.43 -14.99
N ARG A 7 16.26 -12.80 -15.61
CA ARG A 7 17.33 -12.17 -14.83
C ARG A 7 16.77 -11.04 -13.99
N PHE A 8 15.77 -10.33 -14.51
CA PHE A 8 15.06 -9.32 -13.75
C PHE A 8 14.48 -9.87 -12.45
N LYS A 9 13.74 -10.98 -12.54
CA LYS A 9 13.17 -11.59 -11.35
C LYS A 9 14.26 -12.05 -10.37
N GLU A 10 15.29 -12.73 -10.89
CA GLU A 10 16.39 -13.20 -10.04
C GLU A 10 17.01 -12.05 -9.26
N ASP A 11 17.19 -10.91 -9.94
CA ASP A 11 17.78 -9.72 -9.32
C ASP A 11 16.90 -9.20 -8.19
N LEU A 12 15.58 -9.17 -8.41
CA LEU A 12 14.67 -8.69 -7.38
C LEU A 12 14.55 -9.68 -6.22
N LYS A 13 14.62 -10.98 -6.51
CA LYS A 13 14.58 -11.97 -5.43
C LYS A 13 15.81 -11.84 -4.53
N ALA A 14 17.00 -11.71 -5.13
CA ALA A 14 18.21 -11.54 -4.33
C ALA A 14 18.16 -10.26 -3.51
N HIS A 15 17.65 -9.17 -4.09
CA HIS A 15 17.54 -7.91 -3.36
C HIS A 15 16.62 -8.08 -2.15
N LEU A 16 15.46 -8.68 -2.35
CA LEU A 16 14.52 -8.91 -1.25
C LEU A 16 15.15 -9.77 -0.16
N GLU A 17 15.84 -10.85 -0.56
CA GLU A 17 16.38 -11.81 0.40
C GLU A 17 17.65 -11.32 1.08
N GLU A 18 18.49 -10.57 0.37
CA GLU A 18 19.77 -10.15 0.93
C GLU A 18 19.75 -8.74 1.48
N LYS A 19 18.76 -7.92 1.11
CA LYS A 19 18.73 -6.55 1.58
C LYS A 19 17.46 -6.22 2.36
N ILE A 20 16.28 -6.48 1.78
CA ILE A 20 15.03 -6.02 2.39
C ILE A 20 14.70 -6.82 3.63
N ILE A 21 14.60 -8.15 3.49
CA ILE A 21 14.18 -8.99 4.59
C ILE A 21 15.10 -8.78 5.79
N PRO A 22 16.43 -8.94 5.67
CA PRO A 22 17.27 -8.78 6.87
C PRO A 22 17.25 -7.39 7.46
N PHE A 23 17.07 -6.32 6.66
CA PHE A 23 16.95 -5.00 7.27
C PHE A 23 15.74 -4.94 8.20
N TRP A 24 14.56 -5.40 7.75
CA TRP A 24 13.38 -5.27 8.59
C TRP A 24 13.43 -6.27 9.74
N GLN A 25 14.13 -7.39 9.56
CA GLN A 25 14.38 -8.25 10.72
C GLN A 25 15.10 -7.49 11.83
N SER A 26 15.96 -6.53 11.48
CA SER A 26 16.73 -5.82 12.50
C SER A 26 15.92 -4.77 13.24
N LEU A 27 14.69 -4.51 12.80
CA LEU A 27 13.80 -3.57 13.46
C LEU A 27 12.92 -4.26 14.50
N LYS A 28 13.09 -5.57 14.69
CA LYS A 28 12.25 -6.31 15.62
C LYS A 28 12.50 -5.84 17.05
N ASP A 29 11.43 -5.51 17.76
CA ASP A 29 11.51 -5.02 19.13
C ASP A 29 11.18 -6.19 20.05
N ASP A 30 12.22 -6.83 20.57
CA ASP A 30 12.02 -7.92 21.52
C ASP A 30 11.87 -7.45 22.95
N GLU A 31 12.01 -6.15 23.21
CA GLU A 31 11.85 -5.67 24.58
C GLU A 31 10.39 -5.43 24.92
N PHE A 32 9.64 -4.82 24.00
CA PHE A 32 8.23 -4.51 24.25
C PHE A 32 7.28 -5.14 23.25
N GLY A 33 7.78 -5.75 22.18
CA GLY A 33 6.96 -6.34 21.15
C GLY A 33 6.87 -5.44 19.92
N GLY A 34 6.37 -6.03 18.83
CA GLY A 34 6.26 -5.24 17.62
C GLY A 34 7.62 -4.87 17.05
N TYR A 35 7.65 -3.73 16.36
CA TYR A 35 8.82 -3.29 15.63
C TYR A 35 9.09 -1.83 15.97
N TYR A 36 10.37 -1.47 16.11
CA TYR A 36 10.72 -0.09 16.38
C TYR A 36 10.11 0.83 15.33
N GLY A 37 9.66 2.01 15.78
CA GLY A 37 8.83 2.88 14.98
C GLY A 37 9.53 3.98 14.20
N TYR A 38 10.85 4.13 14.31
CA TYR A 38 11.52 5.23 13.63
C TYR A 38 13.00 4.91 13.45
N MET A 39 13.54 5.22 12.27
CA MET A 39 14.99 5.24 12.09
C MET A 39 15.34 6.46 11.25
N ASP A 40 16.19 7.34 11.79
CA ASP A 40 16.42 8.61 11.12
C ASP A 40 17.35 8.41 9.92
N PHE A 41 17.62 9.51 9.22
CA PHE A 41 18.42 9.44 7.99
C PHE A 41 19.82 8.94 8.27
N ASN A 42 20.35 9.19 9.47
CA ASN A 42 21.67 8.76 9.87
C ASN A 42 21.67 7.35 10.45
N LEU A 43 20.59 6.59 10.24
CA LEU A 43 20.46 5.19 10.60
C LEU A 43 20.35 4.95 12.11
N ASN A 44 20.01 5.98 12.88
CA ASN A 44 19.81 5.84 14.32
C ASN A 44 18.37 5.42 14.57
N ILE A 45 18.20 4.21 15.11
CA ILE A 45 16.87 3.77 15.52
C ILE A 45 16.48 4.49 16.80
N ASP A 46 15.23 4.94 16.87
CA ASP A 46 14.64 5.44 18.10
C ASP A 46 13.75 4.33 18.64
N ARG A 47 14.27 3.54 19.58
CA ARG A 47 13.51 2.42 20.11
C ARG A 47 12.29 2.88 20.91
N LYS A 48 12.29 4.13 21.36
CA LYS A 48 11.19 4.70 22.14
C LYS A 48 10.16 5.40 21.26
N ALA A 49 10.31 5.35 19.93
CA ALA A 49 9.36 6.03 19.07
C ALA A 49 7.97 5.42 19.22
N GLN A 50 6.95 6.26 19.05
CA GLN A 50 5.59 5.74 18.99
C GLN A 50 5.44 4.84 17.76
N LYS A 51 4.58 3.85 17.88
CA LYS A 51 4.43 2.80 16.87
C LYS A 51 3.11 3.00 16.15
N GLY A 52 3.17 3.25 14.84
CA GLY A 52 1.96 3.38 14.04
C GLY A 52 1.35 2.03 13.73
N CYS A 53 0.01 1.97 13.80
CA CYS A 53 -0.68 0.72 13.50
C CYS A 53 -0.55 0.34 12.02
N ILE A 54 -0.60 1.34 11.12
CA ILE A 54 -0.43 1.03 9.70
C ILE A 54 0.94 0.38 9.46
N LEU A 55 1.99 0.90 10.10
CA LEU A 55 3.32 0.32 9.90
C LEU A 55 3.37 -1.12 10.40
N ASN A 56 2.83 -1.38 11.60
CA ASN A 56 2.81 -2.75 12.11
C ASN A 56 2.06 -3.69 11.17
N SER A 57 0.90 -3.26 10.66
CA SER A 57 0.12 -4.12 9.76
C SER A 57 0.84 -4.33 8.43
N ARG A 58 1.54 -3.31 7.93
CA ARG A 58 2.32 -3.50 6.70
C ARG A 58 3.48 -4.45 6.93
N ILE A 59 4.09 -4.38 8.10
CA ILE A 59 5.16 -5.33 8.41
C ILE A 59 4.58 -6.74 8.52
N LEU A 60 3.44 -6.88 9.21
CA LEU A 60 2.73 -8.15 9.27
C LEU A 60 2.43 -8.69 7.89
N TRP A 61 1.92 -7.83 7.01
CA TRP A 61 1.63 -8.29 5.65
C TRP A 61 2.91 -8.74 4.97
N PHE A 62 4.00 -7.99 5.15
CA PHE A 62 5.21 -8.21 4.39
C PHE A 62 5.82 -9.56 4.75
N PHE A 63 5.96 -9.81 6.04
CA PHE A 63 6.59 -11.05 6.46
C PHE A 63 5.70 -12.24 6.16
N SER A 64 4.38 -12.09 6.27
CA SER A 64 3.45 -13.16 5.89
C SER A 64 3.58 -13.51 4.40
N ALA A 65 3.57 -12.50 3.54
CA ALA A 65 3.69 -12.72 2.10
C ALA A 65 5.05 -13.31 1.75
N CYS A 66 6.10 -12.90 2.46
CA CYS A 66 7.40 -13.53 2.28
C CYS A 66 7.34 -15.01 2.58
N TYR A 67 6.67 -15.41 3.67
CA TYR A 67 6.54 -16.84 3.93
C TYR A 67 5.68 -17.50 2.86
N ASN A 68 4.59 -16.85 2.46
CA ASN A 68 3.69 -17.46 1.47
C ASN A 68 4.38 -17.68 0.13
N VAL A 69 5.31 -16.80 -0.23
CA VAL A 69 6.00 -16.94 -1.51
C VAL A 69 7.31 -17.70 -1.38
N LEU A 70 8.15 -17.35 -0.39
CA LEU A 70 9.48 -17.94 -0.28
C LEU A 70 9.55 -19.08 0.73
N LYS A 71 8.51 -19.27 1.54
CA LYS A 71 8.48 -20.32 2.57
C LYS A 71 9.65 -20.19 3.53
N SER A 72 10.03 -18.96 3.85
CA SER A 72 11.08 -18.72 4.83
C SER A 72 10.51 -18.84 6.24
N GLU A 73 11.04 -19.79 7.01
CA GLU A 73 10.52 -20.01 8.36
C GLU A 73 10.77 -18.80 9.25
N LYS A 74 11.93 -18.13 9.09
CA LYS A 74 12.20 -16.93 9.88
C LYS A 74 11.17 -15.83 9.59
N CYS A 75 10.76 -15.68 8.34
CA CYS A 75 9.76 -14.67 8.01
C CYS A 75 8.43 -14.97 8.71
N LYS A 76 8.05 -16.24 8.79
CA LYS A 76 6.82 -16.57 9.50
C LYS A 76 6.93 -16.20 10.98
N GLU A 77 8.10 -16.44 11.60
CA GLU A 77 8.28 -16.02 12.98
C GLU A 77 8.22 -14.49 13.09
N MET A 78 8.78 -13.78 12.10
CA MET A 78 8.71 -12.32 12.11
C MET A 78 7.27 -11.84 11.98
N ALA A 79 6.47 -12.52 11.16
CA ALA A 79 5.06 -12.17 11.03
C ALA A 79 4.31 -12.42 12.33
N PHE A 80 4.57 -13.57 12.94
CA PHE A 80 4.00 -13.88 14.25
C PHE A 80 4.26 -12.77 15.27
N HIS A 81 5.50 -12.28 15.31
CA HIS A 81 5.84 -11.19 16.24
C HIS A 81 4.99 -9.95 15.98
N ALA A 82 4.75 -9.62 14.71
CA ALA A 82 3.88 -8.49 14.38
C ALA A 82 2.41 -8.82 14.66
N PHE A 83 1.99 -10.04 14.37
CA PHE A 83 0.62 -10.41 14.72
C PHE A 83 0.39 -10.30 16.23
N GLU A 84 1.38 -10.71 17.03
CA GLU A 84 1.20 -10.66 18.47
C GLU A 84 1.00 -9.23 18.96
N PHE A 85 1.78 -8.29 18.43
CA PHE A 85 1.65 -6.90 18.83
C PHE A 85 0.33 -6.30 18.36
N LEU A 86 -0.11 -6.65 17.15
CA LEU A 86 -1.43 -6.23 16.70
C LEU A 86 -2.52 -6.74 17.65
N LYS A 87 -2.50 -8.06 17.90
CA LYS A 87 -3.48 -8.72 18.76
C LYS A 87 -3.54 -8.12 20.16
N ASN A 88 -2.37 -7.88 20.75
CA ASN A 88 -2.30 -7.51 22.16
C ASN A 88 -2.39 -6.01 22.39
N LYS A 89 -1.90 -5.18 21.45
CA LYS A 89 -1.78 -3.75 21.69
C LYS A 89 -2.60 -2.88 20.74
N PHE A 90 -2.73 -3.23 19.46
CA PHE A 90 -3.51 -2.38 18.56
C PHE A 90 -4.99 -2.73 18.53
N TRP A 91 -5.35 -3.99 18.76
CA TRP A 91 -6.76 -4.37 18.71
C TRP A 91 -7.49 -3.87 19.95
N ASP A 92 -8.60 -3.17 19.73
CA ASP A 92 -9.43 -2.63 20.80
C ASP A 92 -10.31 -3.74 21.36
N LYS A 93 -10.00 -4.24 22.57
CA LYS A 93 -10.79 -5.33 23.10
C LYS A 93 -12.23 -4.91 23.39
N GLU A 94 -12.44 -3.64 23.77
CA GLU A 94 -13.75 -3.18 24.20
C GLU A 94 -14.67 -2.88 23.02
N TYR A 95 -14.22 -2.06 22.07
CA TYR A 95 -15.06 -1.65 20.95
C TYR A 95 -14.67 -2.29 19.62
N GLU A 96 -13.56 -3.05 19.59
CA GLU A 96 -13.09 -3.78 18.41
C GLU A 96 -12.51 -2.84 17.36
N GLY A 97 -11.85 -3.41 16.36
CA GLY A 97 -11.10 -2.61 15.42
C GLY A 97 -9.74 -2.24 16.00
N LEU A 98 -8.98 -1.48 15.21
CA LEU A 98 -7.57 -1.22 15.48
C LEU A 98 -7.35 0.26 15.80
N PHE A 99 -6.66 0.52 16.92
CA PHE A 99 -6.22 1.87 17.25
C PHE A 99 -5.31 2.44 16.16
N TRP A 100 -5.18 3.76 16.17
CA TRP A 100 -4.30 4.44 15.21
C TRP A 100 -2.83 4.32 15.60
N SER A 101 -2.51 4.48 16.88
CA SER A 101 -1.11 4.48 17.26
C SER A 101 -0.99 4.17 18.74
N VAL A 102 0.15 3.57 19.12
CA VAL A 102 0.43 3.25 20.51
C VAL A 102 1.87 3.67 20.82
N SER A 103 2.18 3.74 22.12
CA SER A 103 3.55 4.06 22.51
C SER A 103 4.47 2.86 22.21
N HIS A 104 5.77 3.06 22.38
CA HIS A 104 6.68 1.92 22.14
C HIS A 104 6.41 0.77 23.11
N LYS A 105 5.80 1.04 24.26
CA LYS A 105 5.40 0.01 25.21
C LYS A 105 4.04 -0.61 24.88
N GLY A 106 3.26 0.02 24.01
CA GLY A 106 1.93 -0.43 23.69
C GLY A 106 0.80 0.30 24.38
N VAL A 107 1.08 1.41 25.05
CA VAL A 107 0.01 2.23 25.65
C VAL A 107 -0.72 2.99 24.55
N PRO A 108 -2.04 2.92 24.48
CA PRO A 108 -2.76 3.62 23.40
C PRO A 108 -2.49 5.12 23.40
N VAL A 109 -2.04 5.61 22.25
CA VAL A 109 -1.74 7.01 22.05
C VAL A 109 -2.85 7.71 21.28
N ASP A 110 -3.36 7.08 20.23
CA ASP A 110 -4.47 7.66 19.48
C ASP A 110 -5.42 6.52 19.26
N VAL A 111 -6.55 6.54 19.98
CA VAL A 111 -7.49 5.42 19.95
C VAL A 111 -8.56 5.58 18.87
N THR A 112 -8.52 6.65 18.07
CA THR A 112 -9.54 6.83 17.04
C THR A 112 -9.40 5.73 15.98
N LYS A 113 -10.52 5.44 15.30
CA LYS A 113 -10.61 4.34 14.35
C LYS A 113 -10.70 4.93 12.96
N HIS A 114 -9.69 4.67 12.13
CA HIS A 114 -9.70 5.13 10.76
C HIS A 114 -9.80 3.96 9.80
N VAL A 115 -10.66 4.11 8.78
CA VAL A 115 -10.87 3.06 7.79
C VAL A 115 -9.54 2.67 7.14
N TYR A 116 -8.69 3.65 6.87
CA TYR A 116 -7.35 3.37 6.32
C TYR A 116 -6.61 2.37 7.20
N VAL A 117 -6.71 2.54 8.52
CA VAL A 117 -6.05 1.61 9.43
C VAL A 117 -6.75 0.26 9.42
N GLN A 118 -8.08 0.25 9.38
CA GLN A 118 -8.77 -1.03 9.42
C GLN A 118 -8.47 -1.85 8.16
N ALA A 119 -8.42 -1.17 7.01
CA ALA A 119 -8.16 -1.86 5.74
C ALA A 119 -6.80 -2.51 5.74
N PHE A 120 -5.77 -1.79 6.19
CA PHE A 120 -4.46 -2.42 6.26
C PHE A 120 -4.46 -3.57 7.26
N GLY A 121 -5.24 -3.46 8.32
CA GLY A 121 -5.40 -4.59 9.23
C GLY A 121 -5.96 -5.82 8.52
N ILE A 122 -7.01 -5.63 7.71
CA ILE A 122 -7.58 -6.75 6.94
C ILE A 122 -6.53 -7.33 6.00
N TYR A 123 -5.76 -6.46 5.35
CA TYR A 123 -4.77 -6.92 4.38
C TYR A 123 -3.71 -7.79 5.05
N GLY A 124 -3.16 -7.32 6.18
CA GLY A 124 -2.12 -8.07 6.84
C GLY A 124 -2.65 -9.31 7.56
N LEU A 125 -3.83 -9.21 8.18
CA LEU A 125 -4.38 -10.33 8.92
C LEU A 125 -4.77 -11.46 7.98
N SER A 126 -5.30 -11.12 6.80
CA SER A 126 -5.67 -12.19 5.87
C SER A 126 -4.42 -12.87 5.33
N GLU A 127 -3.41 -12.07 4.94
CA GLU A 127 -2.14 -12.65 4.52
C GLU A 127 -1.56 -13.54 5.60
N TYR A 128 -1.62 -13.10 6.85
CA TYR A 128 -1.06 -13.90 7.94
C TYR A 128 -1.88 -15.16 8.19
N TYR A 129 -3.20 -15.10 7.93
CA TYR A 129 -4.01 -16.31 8.05
C TYR A 129 -3.57 -17.36 7.03
N GLU A 130 -3.31 -16.94 5.79
CA GLU A 130 -2.83 -17.88 4.79
C GLU A 130 -1.52 -18.52 5.24
N ALA A 131 -0.64 -17.74 5.87
CA ALA A 131 0.68 -18.24 6.25
C ALA A 131 0.60 -19.12 7.48
N SER A 132 -0.29 -18.80 8.43
CA SER A 132 -0.28 -19.47 9.73
C SER A 132 -1.49 -20.36 9.99
N GLY A 133 -2.61 -20.08 9.34
CA GLY A 133 -3.83 -20.79 9.69
C GLY A 133 -4.43 -20.37 11.00
N ASP A 134 -3.96 -19.28 11.60
CA ASP A 134 -4.46 -18.83 12.89
C ASP A 134 -5.90 -18.35 12.77
N GLU A 135 -6.82 -19.05 13.44
CA GLU A 135 -8.24 -18.70 13.38
C GLU A 135 -8.53 -17.35 14.03
N GLU A 136 -7.73 -16.94 15.01
CA GLU A 136 -7.99 -15.63 15.62
C GLU A 136 -7.68 -14.51 14.64
N ALA A 137 -6.66 -14.68 13.79
CA ALA A 137 -6.38 -13.65 12.79
C ALA A 137 -7.51 -13.58 11.77
N LEU A 138 -8.01 -14.74 11.33
CA LEU A 138 -9.16 -14.79 10.44
C LEU A 138 -10.38 -14.14 11.07
N HIS A 139 -10.59 -14.37 12.37
CA HIS A 139 -11.72 -13.76 13.06
C HIS A 139 -11.63 -12.25 13.05
N MET A 140 -10.45 -11.71 13.36
CA MET A 140 -10.27 -10.26 13.40
C MET A 140 -10.49 -9.65 12.03
N ALA A 141 -9.97 -10.27 10.97
CA ALA A 141 -10.19 -9.77 9.62
C ALA A 141 -11.67 -9.72 9.27
N LYS A 142 -12.39 -10.82 9.53
CA LYS A 142 -13.83 -10.84 9.29
C LYS A 142 -14.55 -9.78 10.09
N ARG A 143 -14.22 -9.63 11.37
CA ARG A 143 -14.88 -8.61 12.17
C ARG A 143 -14.57 -7.22 11.66
N LEU A 144 -13.31 -6.97 11.23
CA LEU A 144 -12.99 -5.68 10.62
C LEU A 144 -13.83 -5.44 9.36
N PHE A 145 -13.99 -6.48 8.53
CA PHE A 145 -14.87 -6.36 7.37
C PHE A 145 -16.30 -6.00 7.77
N GLU A 146 -16.88 -6.74 8.72
CA GLU A 146 -18.27 -6.46 9.13
C GLU A 146 -18.40 -5.05 9.69
N ILE A 147 -17.44 -4.60 10.48
CA ILE A 147 -17.51 -3.25 11.02
C ILE A 147 -17.49 -2.23 9.90
N LEU A 148 -16.54 -2.35 8.97
CA LEU A 148 -16.48 -1.44 7.84
C LEU A 148 -17.81 -1.40 7.10
N GLU A 149 -18.38 -2.58 6.84
CA GLU A 149 -19.58 -2.67 6.02
C GLU A 149 -20.83 -2.22 6.77
N THR A 150 -20.89 -2.43 8.08
CA THR A 150 -22.10 -2.13 8.83
C THR A 150 -22.06 -0.79 9.55
N LYS A 151 -20.87 -0.30 9.93
CA LYS A 151 -20.78 0.96 10.65
C LYS A 151 -20.19 2.10 9.82
N CYS A 152 -19.31 1.83 8.85
CA CYS A 152 -18.56 2.88 8.18
C CYS A 152 -19.02 3.21 6.77
N LYS A 153 -19.67 2.27 6.08
CA LYS A 153 -20.04 2.47 4.68
C LYS A 153 -21.22 3.43 4.56
N ARG A 154 -21.20 4.24 3.51
CA ARG A 154 -22.27 5.18 3.18
C ARG A 154 -22.61 5.03 1.70
N GLU A 155 -23.58 5.83 1.24
CA GLU A 155 -24.10 5.68 -0.12
C GLU A 155 -22.99 5.81 -1.17
N ASN A 156 -22.05 6.72 -0.97
CA ASN A 156 -21.05 7.01 -1.98
C ASN A 156 -19.63 6.70 -1.51
N GLY A 157 -19.46 5.74 -0.60
CA GLY A 157 -18.15 5.34 -0.13
C GLY A 157 -18.11 5.26 1.38
N TYR A 158 -16.92 5.30 1.96
CA TYR A 158 -16.77 5.14 3.40
C TYR A 158 -16.57 6.49 4.07
N THR A 159 -17.32 6.74 5.14
CA THR A 159 -16.87 7.72 6.11
C THR A 159 -15.58 7.18 6.72
N GLU A 160 -14.55 8.03 6.81
CA GLU A 160 -13.19 7.54 6.97
C GLU A 160 -12.68 7.55 8.41
N GLN A 161 -13.15 8.46 9.26
N GLN A 161 -13.22 8.41 9.27
CA GLN A 161 -12.62 8.56 10.61
CA GLN A 161 -12.67 8.63 10.60
C GLN A 161 -13.76 8.52 11.63
C GLN A 161 -13.78 8.54 11.65
N PHE A 162 -13.50 7.85 12.75
CA PHE A 162 -14.47 7.59 13.80
C PHE A 162 -13.80 7.71 15.16
N GLU A 163 -14.59 8.08 16.16
CA GLU A 163 -14.12 7.96 17.55
C GLU A 163 -13.84 6.48 17.86
N ARG A 164 -13.25 6.24 19.03
CA ARG A 164 -12.93 4.87 19.43
C ARG A 164 -14.17 3.98 19.38
N ASN A 165 -15.33 4.52 19.76
CA ASN A 165 -16.56 3.74 19.85
C ASN A 165 -17.35 3.75 18.55
N TRP A 166 -16.74 4.19 17.45
CA TRP A 166 -17.28 4.18 16.09
C TRP A 166 -18.35 5.25 15.84
N GLN A 167 -18.49 6.25 16.70
CA GLN A 167 -19.28 7.41 16.30
C GLN A 167 -18.49 8.22 15.27
N GLU A 168 -19.15 8.68 14.22
CA GLU A 168 -18.39 9.26 13.12
C GLU A 168 -17.83 10.63 13.50
N LYS A 169 -16.70 10.97 12.88
CA LYS A 169 -16.01 12.24 13.02
C LYS A 169 -15.76 12.79 11.62
N GLU A 170 -15.42 14.07 11.56
CA GLU A 170 -14.84 14.61 10.35
C GLU A 170 -13.44 14.03 10.15
N ASN A 171 -12.99 14.05 8.91
CA ASN A 171 -11.77 13.30 8.61
C ASN A 171 -10.53 14.02 9.13
N ARG A 172 -9.44 13.26 9.27
CA ARG A 172 -8.15 13.80 9.69
C ARG A 172 -7.24 14.17 8.52
N PHE A 173 -7.53 13.69 7.30
CA PHE A 173 -6.71 14.04 6.14
C PHE A 173 -7.12 15.39 5.57
N LEU A 174 -6.14 16.25 5.28
CA LEU A 174 -6.35 17.63 4.87
C LEU A 174 -5.72 17.91 3.51
N SER A 175 -6.40 18.72 2.71
CA SER A 175 -5.84 19.19 1.45
C SER A 175 -4.64 20.12 1.70
N GLU A 176 -3.93 20.43 0.62
CA GLU A 176 -2.75 21.28 0.69
C GLU A 176 -3.05 22.64 1.34
N ASN A 177 -4.29 23.11 1.25
CA ASN A 177 -4.69 24.37 1.85
C ASN A 177 -5.50 24.20 3.14
N GLY A 178 -5.38 23.05 3.79
CA GLY A 178 -5.99 22.86 5.10
C GLY A 178 -7.50 22.71 5.10
N VAL A 179 -8.10 22.24 4.02
CA VAL A 179 -9.51 21.90 4.02
C VAL A 179 -9.62 20.39 4.22
N ILE A 180 -10.54 19.97 5.10
CA ILE A 180 -10.75 18.55 5.36
C ILE A 180 -11.24 17.85 4.10
N ALA A 181 -10.62 16.72 3.78
CA ALA A 181 -10.97 15.90 2.62
C ALA A 181 -11.83 14.75 3.13
N SER A 182 -13.16 14.87 2.99
CA SER A 182 -14.05 13.86 3.54
C SER A 182 -13.99 12.55 2.77
N LYS A 183 -13.39 12.56 1.57
CA LYS A 183 -13.23 11.37 0.73
C LYS A 183 -11.83 11.39 0.15
N THR A 184 -11.04 10.33 0.41
CA THR A 184 -9.68 10.27 -0.12
C THR A 184 -9.46 9.03 -0.97
N MET A 185 -8.73 9.22 -2.07
CA MET A 185 -8.18 8.12 -2.84
C MET A 185 -7.46 7.12 -1.95
N ASN A 186 -6.61 7.63 -1.05
CA ASN A 186 -5.84 6.82 -0.09
C ASN A 186 -6.67 5.73 0.56
N THR A 187 -7.66 6.16 1.33
CA THR A 187 -8.46 5.21 2.09
C THR A 187 -9.13 4.18 1.18
N HIS A 188 -9.75 4.65 0.10
CA HIS A 188 -10.58 3.73 -0.68
C HIS A 188 -9.73 2.76 -1.50
N LEU A 189 -8.54 3.20 -1.93
CA LEU A 189 -7.67 2.28 -2.65
C LEU A 189 -7.28 1.11 -1.76
N HIS A 190 -7.02 1.37 -0.48
CA HIS A 190 -6.58 0.28 0.39
C HIS A 190 -7.74 -0.53 0.92
N VAL A 191 -8.96 0.02 0.97
CA VAL A 191 -10.12 -0.84 1.14
C VAL A 191 -10.18 -1.85 -0.01
N LEU A 192 -10.12 -1.34 -1.24
CA LEU A 192 -10.12 -2.20 -2.43
C LEU A 192 -9.07 -3.29 -2.33
N GLU A 193 -7.83 -2.89 -2.02
CA GLU A 193 -6.72 -3.84 -1.94
C GLU A 193 -6.95 -4.88 -0.85
N SER A 194 -7.42 -4.44 0.33
CA SER A 194 -7.64 -5.40 1.40
C SER A 194 -8.79 -6.34 1.09
N TYR A 195 -9.85 -5.82 0.45
CA TYR A 195 -10.99 -6.67 0.13
C TYR A 195 -10.62 -7.69 -0.92
N THR A 196 -9.73 -7.34 -1.84
CA THR A 196 -9.29 -8.31 -2.85
C THR A 196 -8.59 -9.50 -2.18
N ASN A 197 -7.71 -9.23 -1.25
CA ASN A 197 -7.00 -10.29 -0.56
C ASN A 197 -7.97 -11.10 0.29
N LEU A 198 -8.86 -10.44 1.00
CA LEU A 198 -9.85 -11.16 1.81
C LEU A 198 -10.68 -12.11 0.95
N TYR A 199 -11.16 -11.65 -0.20
CA TYR A 199 -12.02 -12.49 -1.02
C TYR A 199 -11.24 -13.62 -1.68
N ARG A 200 -10.01 -13.32 -2.14
CA ARG A 200 -9.14 -14.34 -2.72
C ARG A 200 -9.00 -15.53 -1.79
N LEU A 201 -8.89 -15.27 -0.48
CA LEU A 201 -8.72 -16.31 0.54
C LEU A 201 -10.04 -16.93 0.99
N LEU A 202 -11.08 -16.13 1.14
CA LEU A 202 -12.33 -16.59 1.75
C LEU A 202 -13.39 -17.01 0.73
N LYS A 203 -13.48 -16.30 -0.40
CA LYS A 203 -14.44 -16.62 -1.46
C LYS A 203 -15.88 -16.58 -0.95
N LEU A 204 -16.17 -15.61 -0.08
CA LEU A 204 -17.50 -15.48 0.52
C LEU A 204 -18.35 -14.49 -0.25
N ASP A 205 -19.65 -14.79 -0.35
CA ASP A 205 -20.57 -13.96 -1.13
C ASP A 205 -20.57 -12.53 -0.63
N ASP A 206 -20.73 -12.34 0.68
CA ASP A 206 -20.78 -10.98 1.23
C ASP A 206 -19.52 -10.20 0.86
N VAL A 207 -18.36 -10.85 0.93
CA VAL A 207 -17.11 -10.19 0.56
C VAL A 207 -17.07 -9.92 -0.93
N TYR A 208 -17.58 -10.84 -1.75
CA TYR A 208 -17.58 -10.55 -3.18
C TYR A 208 -18.38 -9.29 -3.48
N GLU A 209 -19.58 -9.19 -2.90
CA GLU A 209 -20.42 -8.04 -3.18
C GLU A 209 -19.74 -6.73 -2.79
N ALA A 210 -19.05 -6.70 -1.65
CA ALA A 210 -18.33 -5.49 -1.23
C ALA A 210 -17.16 -5.19 -2.16
N LEU A 211 -16.48 -6.23 -2.63
CA LEU A 211 -15.38 -6.02 -3.58
C LEU A 211 -15.88 -5.41 -4.88
N GLU A 212 -16.95 -5.99 -5.45
CA GLU A 212 -17.53 -5.43 -6.66
C GLU A 212 -18.01 -4.00 -6.42
N TRP A 213 -18.61 -3.74 -5.26
CA TRP A 213 -19.09 -2.40 -4.95
C TRP A 213 -17.96 -1.38 -4.98
N ILE A 214 -16.84 -1.69 -4.33
CA ILE A 214 -15.75 -0.73 -4.28
C ILE A 214 -15.11 -0.59 -5.66
N VAL A 215 -15.03 -1.66 -6.44
CA VAL A 215 -14.52 -1.53 -7.80
C VAL A 215 -15.39 -0.56 -8.60
N ARG A 216 -16.71 -0.69 -8.48
CA ARG A 216 -17.61 0.22 -9.21
C ARG A 216 -17.42 1.67 -8.77
N LEU A 217 -17.23 1.89 -7.46
CA LEU A 217 -16.99 3.24 -6.98
C LEU A 217 -15.79 3.87 -7.68
N PHE A 218 -14.71 3.09 -7.84
CA PHE A 218 -13.54 3.60 -8.56
C PHE A 218 -13.87 3.94 -10.00
N VAL A 219 -14.63 3.07 -10.67
CA VAL A 219 -14.98 3.33 -12.07
C VAL A 219 -15.88 4.56 -12.19
N ASP A 220 -16.85 4.70 -11.27
CA ASP A 220 -17.94 5.65 -11.42
C ASP A 220 -17.68 7.03 -10.81
N LYS A 221 -16.85 7.12 -9.77
CA LYS A 221 -16.74 8.33 -8.95
C LYS A 221 -15.31 8.81 -8.74
N ILE A 222 -14.37 7.90 -8.53
CA ILE A 222 -12.99 8.31 -8.21
C ILE A 222 -12.17 8.53 -9.46
N TYR A 223 -12.33 7.69 -10.48
CA TYR A 223 -11.61 7.89 -11.73
C TYR A 223 -12.12 9.13 -12.46
N LYS A 224 -11.20 9.91 -13.02
CA LYS A 224 -11.55 11.04 -13.87
C LYS A 224 -11.59 10.54 -15.31
N LYS A 225 -12.81 10.26 -15.80
CA LYS A 225 -12.96 9.58 -17.08
C LYS A 225 -12.19 10.29 -18.19
N GLY A 226 -11.43 9.51 -18.94
CA GLY A 226 -10.71 10.04 -20.08
C GLY A 226 -9.42 10.78 -19.78
N THR A 227 -9.01 10.86 -18.51
CA THR A 227 -7.78 11.54 -18.14
C THR A 227 -6.65 10.61 -17.77
N GLY A 228 -6.94 9.35 -17.46
CA GLY A 228 -5.96 8.46 -16.88
C GLY A 228 -5.59 8.76 -15.45
N HIS A 229 -6.29 9.68 -14.79
CA HIS A 229 -5.97 10.02 -13.40
C HIS A 229 -7.18 9.81 -12.49
N PHE A 230 -6.89 9.50 -11.23
CA PHE A 230 -7.89 9.42 -10.19
C PHE A 230 -7.87 10.69 -9.34
N LYS A 231 -9.04 11.04 -8.81
CA LYS A 231 -9.10 12.12 -7.84
C LYS A 231 -8.34 11.70 -6.57
N VAL A 232 -7.72 12.67 -5.89
CA VAL A 232 -6.94 12.32 -4.71
CA VAL A 232 -6.92 12.37 -4.71
C VAL A 232 -7.67 12.74 -3.42
N PHE A 233 -7.91 14.04 -3.23
CA PHE A 233 -8.57 14.55 -2.03
C PHE A 233 -9.86 15.24 -2.43
N CYS A 234 -10.98 14.84 -1.81
CA CYS A 234 -12.31 15.22 -2.26
C CYS A 234 -13.17 15.68 -1.10
N ASP A 235 -14.26 16.36 -1.43
CA ASP A 235 -15.30 16.63 -0.45
C ASP A 235 -16.09 15.34 -0.22
N ASP A 236 -17.22 15.44 0.48
CA ASP A 236 -18.00 14.23 0.76
C ASP A 236 -18.74 13.70 -0.47
N ASN A 237 -18.64 14.37 -1.61
CA ASN A 237 -19.36 13.98 -2.81
C ASN A 237 -18.40 13.67 -3.96
N TRP A 238 -17.15 13.34 -3.64
CA TRP A 238 -16.12 13.00 -4.63
C TRP A 238 -15.86 14.14 -5.61
N ASN A 239 -16.07 15.38 -5.17
CA ASN A 239 -15.62 16.55 -5.91
C ASN A 239 -14.24 16.94 -5.41
N GLU A 240 -13.32 17.18 -6.35
CA GLU A 240 -11.93 17.47 -6.00
C GLU A 240 -11.82 18.76 -5.22
N LEU A 241 -11.07 18.71 -4.13
CA LEU A 241 -10.74 19.92 -3.40
C LEU A 241 -9.66 20.71 -4.13
N ILE A 242 -8.81 20.01 -4.88
CA ILE A 242 -7.75 20.64 -5.65
C ILE A 242 -7.45 19.77 -6.86
N LYS A 243 -7.12 20.42 -7.98
CA LYS A 243 -6.68 19.70 -9.17
C LYS A 243 -5.32 19.10 -8.89
N ALA A 244 -5.30 17.86 -8.40
CA ALA A 244 -4.08 17.19 -8.00
C ALA A 244 -4.01 15.84 -8.69
N VAL A 245 -2.82 15.52 -9.19
CA VAL A 245 -2.54 14.21 -9.80
C VAL A 245 -1.39 13.58 -9.05
N SER A 246 -1.61 12.39 -8.51
CA SER A 246 -0.57 11.60 -7.86
C SER A 246 -0.23 10.47 -8.82
N TYR A 247 0.90 10.59 -9.52
CA TYR A 247 1.23 9.53 -10.48
C TYR A 247 1.50 8.21 -9.79
N GLY A 248 2.04 8.26 -8.57
CA GLY A 248 2.19 7.04 -7.79
C GLY A 248 0.87 6.35 -7.50
N PHE A 249 -0.14 7.11 -7.05
CA PHE A 249 -1.45 6.49 -6.82
C PHE A 249 -2.04 5.95 -8.12
N ASP A 250 -1.92 6.71 -9.21
CA ASP A 250 -2.46 6.24 -10.50
C ASP A 250 -1.88 4.87 -10.86
N ILE A 251 -0.55 4.76 -10.89
CA ILE A 251 0.03 3.53 -11.39
C ILE A 251 -0.20 2.38 -10.40
N GLU A 252 -0.30 2.66 -9.10
CA GLU A 252 -0.63 1.59 -8.14
C GLU A 252 -2.08 1.13 -8.33
N ALA A 253 -3.00 2.07 -8.43
CA ALA A 253 -4.40 1.72 -8.65
C ALA A 253 -4.59 0.99 -9.96
N SER A 254 -3.74 1.27 -10.96
CA SER A 254 -3.85 0.58 -12.23
CA SER A 254 -3.83 0.57 -12.24
C SER A 254 -3.72 -0.94 -12.04
N TRP A 255 -2.64 -1.39 -11.37
CA TRP A 255 -2.49 -2.84 -11.28
C TRP A 255 -3.34 -3.45 -10.16
N LEU A 256 -3.68 -2.68 -9.13
CA LEU A 256 -4.60 -3.18 -8.10
C LEU A 256 -6.00 -3.39 -8.67
N LEU A 257 -6.49 -2.46 -9.50
CA LEU A 257 -7.79 -2.65 -10.12
C LEU A 257 -7.77 -3.80 -11.12
N ASP A 258 -6.72 -3.87 -11.94
CA ASP A 258 -6.50 -5.04 -12.79
C ASP A 258 -6.54 -6.33 -11.99
N GLN A 259 -5.97 -6.32 -10.79
CA GLN A 259 -5.92 -7.52 -9.97
C GLN A 259 -7.31 -7.94 -9.51
N ALA A 260 -8.06 -6.98 -8.94
CA ALA A 260 -9.42 -7.26 -8.53
C ALA A 260 -10.29 -7.73 -9.70
N ALA A 261 -10.04 -7.20 -10.90
CA ALA A 261 -10.87 -7.54 -12.06
C ALA A 261 -10.87 -9.05 -12.32
N LYS A 262 -9.78 -9.72 -11.96
CA LYS A 262 -9.69 -11.17 -12.15
C LYS A 262 -10.80 -11.91 -11.41
N TYR A 263 -11.32 -11.35 -10.33
CA TYR A 263 -12.36 -12.00 -9.53
C TYR A 263 -13.77 -11.61 -9.94
N LEU A 264 -13.92 -10.60 -10.79
CA LEU A 264 -15.24 -10.05 -11.04
C LEU A 264 -16.12 -11.00 -11.83
N LYS A 265 -17.38 -11.10 -11.41
CA LYS A 265 -18.34 -11.98 -12.04
C LYS A 265 -19.21 -11.28 -13.08
N ASP A 266 -19.25 -9.95 -13.05
CA ASP A 266 -19.92 -9.16 -14.08
C ASP A 266 -18.91 -8.92 -15.20
N GLU A 267 -19.15 -9.54 -16.36
CA GLU A 267 -18.15 -9.49 -17.43
C GLU A 267 -18.03 -8.11 -18.05
N LYS A 268 -19.14 -7.37 -18.14
CA LYS A 268 -19.09 -5.99 -18.64
C LYS A 268 -18.19 -5.13 -17.76
N LEU A 269 -18.46 -5.11 -16.45
CA LEU A 269 -17.61 -4.35 -15.54
C LEU A 269 -16.15 -4.79 -15.61
N LYS A 270 -15.91 -6.09 -15.72
CA LYS A 270 -14.54 -6.60 -15.80
C LYS A 270 -13.82 -6.03 -17.03
N GLU A 271 -14.45 -6.09 -18.20
CA GLU A 271 -13.85 -5.47 -19.38
C GLU A 271 -13.61 -3.98 -19.16
N GLU A 272 -14.59 -3.28 -18.59
CA GLU A 272 -14.46 -1.87 -18.23
C GLU A 272 -13.21 -1.63 -17.39
N VAL A 273 -13.05 -2.40 -16.32
CA VAL A 273 -11.96 -2.19 -15.38
C VAL A 273 -10.62 -2.45 -16.05
N GLU A 274 -10.53 -3.54 -16.83
CA GLU A 274 -9.28 -3.85 -17.50
C GLU A 274 -8.91 -2.77 -18.51
N LYS A 275 -9.92 -2.13 -19.12
CA LYS A 275 -9.63 -1.03 -20.05
C LYS A 275 -9.19 0.22 -19.29
N LEU A 276 -9.80 0.47 -18.14
CA LEU A 276 -9.37 1.58 -17.30
C LEU A 276 -7.91 1.43 -16.89
N ALA A 277 -7.55 0.26 -16.35
CA ALA A 277 -6.19 0.04 -15.86
C ALA A 277 -5.15 0.31 -16.94
N LEU A 278 -5.44 -0.09 -18.19
CA LEU A 278 -4.49 0.12 -19.28
C LEU A 278 -4.46 1.58 -19.71
N GLU A 279 -5.62 2.24 -19.73
CA GLU A 279 -5.66 3.67 -20.00
C GLU A 279 -4.79 4.43 -19.01
N VAL A 280 -4.86 4.05 -17.73
CA VAL A 280 -4.05 4.71 -16.72
C VAL A 280 -2.56 4.42 -16.94
N ALA A 281 -2.21 3.16 -17.21
CA ALA A 281 -0.81 2.85 -17.42
C ALA A 281 -0.26 3.56 -18.65
N GLN A 282 -1.09 3.74 -19.66
CA GLN A 282 -0.66 4.40 -20.87
C GLN A 282 -0.40 5.88 -20.64
N ILE A 283 -1.29 6.55 -19.94
CA ILE A 283 -1.15 7.95 -19.64
C ILE A 283 0.03 8.15 -18.70
N THR A 284 0.22 7.22 -17.78
CA THR A 284 1.28 7.34 -16.83
C THR A 284 2.64 7.28 -17.50
N LEU A 285 2.82 6.36 -18.42
CA LEU A 285 4.05 6.25 -19.15
C LEU A 285 4.32 7.54 -19.91
N LYS A 286 3.31 8.06 -20.58
CA LYS A 286 3.47 9.29 -21.36
C LYS A 286 3.71 10.57 -20.58
N GLU A 287 2.97 10.77 -19.52
CA GLU A 287 3.07 11.95 -18.72
C GLU A 287 4.07 11.96 -17.56
N ALA A 288 4.33 10.83 -16.95
CA ALA A 288 5.17 10.80 -15.75
C ALA A 288 6.48 10.01 -15.80
N PHE A 289 6.68 9.22 -16.83
CA PHE A 289 7.93 8.50 -16.98
C PHE A 289 8.90 9.38 -17.78
N ASP A 290 10.01 9.76 -17.17
CA ASP A 290 10.96 10.65 -17.82
C ASP A 290 12.01 9.91 -18.63
N GLY A 291 11.84 8.62 -18.89
CA GLY A 291 12.86 7.80 -19.51
C GLY A 291 13.72 7.05 -18.52
N GLN A 292 13.72 7.48 -17.26
CA GLN A 292 14.55 6.91 -16.22
C GLN A 292 13.71 6.43 -15.05
N SER A 293 12.80 7.27 -14.56
CA SER A 293 11.96 6.92 -13.44
C SER A 293 10.69 7.75 -13.53
N LEU A 294 9.84 7.60 -12.53
CA LEU A 294 8.56 8.30 -12.50
C LEU A 294 8.65 9.51 -11.57
N ILE A 295 8.11 10.64 -12.03
CA ILE A 295 7.98 11.81 -11.18
C ILE A 295 6.84 11.58 -10.18
N ASN A 296 6.66 12.53 -9.26
CA ASN A 296 5.82 12.31 -8.07
C ASN A 296 4.37 12.72 -8.33
N GLU A 297 4.14 14.01 -8.54
CA GLU A 297 2.77 14.50 -8.58
C GLU A 297 2.74 15.86 -9.26
N MET A 298 1.53 16.28 -9.60
CA MET A 298 1.27 17.61 -10.12
C MET A 298 0.13 18.19 -9.33
N ILE A 299 0.36 19.35 -8.70
CA ILE A 299 -0.65 20.02 -7.89
C ILE A 299 -0.98 21.33 -8.58
N GLU A 300 -2.22 21.45 -9.06
CA GLU A 300 -2.57 22.52 -10.00
C GLU A 300 -1.66 22.45 -11.22
N ASP A 301 -0.72 23.38 -11.31
CA ASP A 301 0.26 23.40 -12.40
C ASP A 301 1.68 23.16 -11.91
N ARG A 302 1.89 22.87 -10.62
CA ARG A 302 3.22 22.65 -10.08
C ARG A 302 3.58 21.18 -10.16
N ILE A 303 4.69 20.86 -10.82
CA ILE A 303 5.15 19.49 -10.97
C ILE A 303 6.25 19.23 -9.96
N ASP A 304 6.12 18.15 -9.18
CA ASP A 304 7.17 17.69 -8.28
C ASP A 304 7.89 16.54 -8.98
N ARG A 305 9.12 16.79 -9.41
N ARG A 305 9.11 16.78 -9.42
CA ARG A 305 9.93 15.79 -10.11
CA ARG A 305 9.90 15.76 -10.11
C ARG A 305 10.84 15.01 -9.16
C ARG A 305 10.86 15.05 -9.17
N SER A 306 10.55 15.03 -7.87
CA SER A 306 11.26 14.19 -6.92
C SER A 306 10.96 12.73 -7.22
N LYS A 307 11.88 11.85 -6.81
CA LYS A 307 11.75 10.41 -7.01
C LYS A 307 11.57 9.79 -5.63
N ILE A 308 10.34 9.35 -5.35
CA ILE A 308 9.95 8.84 -4.05
C ILE A 308 9.98 7.32 -4.09
N TRP A 309 10.48 6.71 -2.99
CA TRP A 309 10.71 5.27 -2.97
C TRP A 309 9.45 4.50 -3.38
N TRP A 310 8.27 4.85 -2.82
CA TRP A 310 7.11 4.00 -3.06
C TRP A 310 6.53 4.22 -4.45
N VAL A 311 6.71 5.42 -4.98
CA VAL A 311 6.27 5.72 -6.34
C VAL A 311 7.02 4.84 -7.35
N GLU A 312 8.34 4.73 -7.18
CA GLU A 312 9.11 3.91 -8.11
C GLU A 312 8.83 2.42 -7.95
N ALA A 313 8.65 1.95 -6.71
CA ALA A 313 8.26 0.56 -6.49
C ALA A 313 6.94 0.23 -7.20
N GLU A 314 5.92 1.07 -7.01
CA GLU A 314 4.63 0.83 -7.67
C GLU A 314 4.71 0.99 -9.19
N THR A 315 5.60 1.85 -9.65
CA THR A 315 5.81 2.01 -11.10
C THR A 315 6.34 0.73 -11.70
N VAL A 316 7.31 0.09 -11.03
CA VAL A 316 7.82 -1.18 -11.53
C VAL A 316 6.68 -2.19 -11.66
N VAL A 317 5.86 -2.34 -10.61
CA VAL A 317 4.78 -3.32 -10.69
C VAL A 317 3.76 -2.91 -11.75
N GLY A 318 3.37 -1.64 -11.74
CA GLY A 318 2.35 -1.20 -12.68
C GLY A 318 2.76 -1.34 -14.13
N PHE A 319 4.00 -0.99 -14.45
CA PHE A 319 4.44 -1.11 -15.85
C PHE A 319 4.65 -2.57 -16.23
N PHE A 320 5.19 -3.38 -15.31
CA PHE A 320 5.30 -4.80 -15.62
C PHE A 320 3.93 -5.41 -15.85
N ASN A 321 2.95 -5.05 -15.03
CA ASN A 321 1.59 -5.52 -15.24
C ASN A 321 1.07 -5.09 -16.62
N ALA A 322 1.26 -3.81 -16.96
CA ALA A 322 0.84 -3.33 -18.28
C ALA A 322 1.52 -4.11 -19.40
N TYR A 323 2.80 -4.45 -19.21
CA TYR A 323 3.49 -5.26 -20.21
C TYR A 323 2.86 -6.64 -20.32
N GLN A 324 2.49 -7.24 -19.18
CA GLN A 324 1.94 -8.59 -19.21
C GLN A 324 0.62 -8.64 -19.99
N LYS A 325 -0.19 -7.59 -19.89
CA LYS A 325 -1.49 -7.62 -20.56
C LYS A 325 -1.38 -7.24 -22.03
N THR A 326 -0.44 -6.37 -22.42
CA THR A 326 -0.34 -5.87 -23.79
C THR A 326 0.78 -6.50 -24.58
N LYS A 327 1.84 -6.96 -23.93
CA LYS A 327 3.09 -7.43 -24.56
C LYS A 327 3.81 -6.30 -25.29
N GLU A 328 3.49 -5.05 -24.97
CA GLU A 328 4.20 -3.90 -25.52
C GLU A 328 5.47 -3.65 -24.71
N GLU A 329 6.61 -3.71 -25.40
CA GLU A 329 7.90 -3.70 -24.70
C GLU A 329 8.23 -2.34 -24.09
N LYS A 330 7.56 -1.27 -24.53
CA LYS A 330 7.77 0.03 -23.89
C LYS A 330 7.50 -0.04 -22.40
N TYR A 331 6.53 -0.85 -21.97
CA TYR A 331 6.23 -1.00 -20.54
C TYR A 331 7.30 -1.82 -19.83
N LEU A 332 7.76 -2.92 -20.45
CA LEU A 332 8.79 -3.73 -19.82
C LEU A 332 10.08 -2.92 -19.69
N ASP A 333 10.47 -2.23 -20.76
CA ASP A 333 11.62 -1.34 -20.72
C ASP A 333 11.49 -0.30 -19.61
N ALA A 334 10.30 0.31 -19.48
CA ALA A 334 10.11 1.31 -18.44
C ALA A 334 10.22 0.71 -17.04
N ALA A 335 9.70 -0.50 -16.84
CA ALA A 335 9.76 -1.10 -15.51
C ALA A 335 11.19 -1.44 -15.13
N ILE A 336 11.96 -1.99 -16.07
CA ILE A 336 13.33 -2.38 -15.78
C ILE A 336 14.19 -1.15 -15.52
N LYS A 337 14.06 -0.12 -16.36
CA LYS A 337 14.86 1.08 -16.17
C LYS A 337 14.50 1.79 -14.88
N THR A 338 13.23 1.75 -14.46
CA THR A 338 12.88 2.25 -13.13
C THR A 338 13.56 1.43 -12.04
N TRP A 339 13.60 0.10 -12.19
CA TRP A 339 14.35 -0.70 -11.24
C TRP A 339 15.83 -0.33 -11.24
N GLU A 340 16.39 -0.06 -12.42
CA GLU A 340 17.80 0.32 -12.49
C GLU A 340 18.04 1.68 -11.84
N PHE A 341 17.07 2.59 -11.95
CA PHE A 341 17.16 3.86 -11.24
C PHE A 341 17.14 3.65 -9.73
N ILE A 342 16.21 2.83 -9.24
CA ILE A 342 16.12 2.55 -7.81
C ILE A 342 17.45 2.01 -7.30
N LYS A 343 18.03 1.07 -8.04
CA LYS A 343 19.31 0.49 -7.62
C LYS A 343 20.40 1.55 -7.53
N GLU A 344 20.40 2.50 -8.44
CA GLU A 344 21.51 3.45 -8.46
C GLU A 344 21.32 4.61 -7.51
N HIS A 345 20.07 5.03 -7.27
CA HIS A 345 19.82 6.27 -6.56
C HIS A 345 19.01 6.13 -5.28
N LEU A 346 18.21 5.07 -5.13
CA LEU A 346 17.37 4.94 -3.94
C LEU A 346 17.81 3.85 -2.98
N VAL A 347 18.52 2.84 -3.45
CA VAL A 347 19.06 1.83 -2.53
C VAL A 347 20.27 2.45 -1.84
N ASP A 348 20.19 2.56 -0.53
CA ASP A 348 21.21 3.26 0.24
C ASP A 348 22.54 2.51 0.14
N ARG A 349 23.60 3.24 -0.20
CA ARG A 349 24.93 2.65 -0.30
C ARG A 349 25.63 2.48 1.06
N ARG A 350 25.07 3.06 2.12
CA ARG A 350 25.64 2.89 3.44
C ARG A 350 25.27 1.52 3.99
N LYS A 351 26.13 0.98 4.86
CA LYS A 351 25.85 -0.32 5.43
C LYS A 351 24.67 -0.25 6.39
N ASN A 352 24.04 -1.42 6.60
CA ASN A 352 22.96 -1.56 7.58
C ASN A 352 21.80 -0.62 7.29
N SER A 353 21.54 -0.40 6.00
CA SER A 353 20.42 0.46 5.63
C SER A 353 19.48 -0.26 4.67
N GLU A 354 18.62 0.49 3.99
CA GLU A 354 17.65 -0.11 3.09
C GLU A 354 17.45 0.79 1.87
N TRP A 355 16.27 1.40 1.73
CA TRP A 355 15.99 2.36 0.67
C TRP A 355 15.86 3.76 1.25
N LEU A 356 16.43 4.73 0.55
CA LEU A 356 16.16 6.13 0.83
C LEU A 356 14.70 6.46 0.55
N TRP A 357 14.15 7.36 1.36
CA TRP A 357 12.81 7.88 1.13
C TRP A 357 12.69 8.51 -0.25
N LYS A 358 13.65 9.36 -0.63
CA LYS A 358 13.54 10.10 -1.86
C LYS A 358 14.88 10.71 -2.24
N VAL A 359 15.01 10.99 -3.53
CA VAL A 359 16.01 11.93 -4.01
C VAL A 359 15.25 13.04 -4.72
N ASN A 360 15.84 14.23 -4.73
CA ASN A 360 15.19 15.35 -5.39
C ASN A 360 15.44 15.27 -6.91
N GLU A 361 14.86 16.24 -7.62
CA GLU A 361 15.05 16.39 -9.06
C GLU A 361 16.50 16.24 -9.50
N ASP A 362 17.42 16.79 -8.72
CA ASP A 362 18.83 16.72 -9.05
C ASP A 362 19.50 15.43 -8.59
N LEU A 363 18.71 14.42 -8.21
CA LEU A 363 19.20 13.12 -7.77
C LEU A 363 20.02 13.21 -6.49
N GLU A 364 19.90 14.31 -5.75
CA GLU A 364 20.53 14.43 -4.45
C GLU A 364 19.68 13.74 -3.40
N ALA A 365 20.32 12.95 -2.55
CA ALA A 365 19.64 12.43 -1.38
C ALA A 365 19.17 13.58 -0.51
N VAL A 366 18.02 13.41 0.11
CA VAL A 366 17.35 14.41 0.92
C VAL A 366 17.18 13.82 2.31
N ASN A 367 17.37 14.65 3.35
CA ASN A 367 17.34 14.14 4.72
C ASN A 367 15.91 13.76 5.09
N MET A 368 15.65 12.46 5.12
CA MET A 368 14.36 11.86 5.45
C MET A 368 14.65 10.53 6.14
N PRO A 369 13.76 10.10 7.05
CA PRO A 369 14.02 8.85 7.79
C PRO A 369 13.93 7.62 6.89
N ILE A 370 14.66 6.57 7.32
CA ILE A 370 14.60 5.30 6.62
C ILE A 370 13.38 4.48 7.07
N VAL A 371 12.98 4.64 8.33
CA VAL A 371 11.79 4.00 8.88
C VAL A 371 10.98 5.05 9.60
N GLU A 372 9.67 5.04 9.37
CA GLU A 372 8.75 6.05 9.89
C GLU A 372 7.36 5.44 9.82
N GLN A 373 6.38 6.11 10.44
CA GLN A 373 5.03 5.58 10.41
C GLN A 373 4.55 5.36 8.99
N TRP A 374 5.08 6.12 8.03
CA TRP A 374 4.65 6.01 6.63
C TRP A 374 5.69 5.38 5.71
N LYS A 375 6.81 4.90 6.26
CA LYS A 375 7.83 4.24 5.46
C LYS A 375 8.10 2.86 6.06
N CYS A 376 7.80 1.82 5.28
CA CYS A 376 7.46 0.45 5.58
C CYS A 376 8.19 -0.48 4.61
N PRO A 377 8.09 -1.79 4.75
CA PRO A 377 8.63 -2.71 3.74
C PRO A 377 7.54 -3.10 2.72
N TYR A 378 6.32 -2.63 2.90
CA TYR A 378 5.20 -2.99 2.06
C TYR A 378 5.28 -2.66 0.55
N HIS A 379 5.56 -1.45 0.19
CA HIS A 379 5.62 -1.06 -1.20
C HIS A 379 6.78 -1.70 -1.94
N ASN A 380 7.96 -1.54 -1.37
CA ASN A 380 9.15 -2.03 -2.05
C ASN A 380 9.28 -3.54 -1.90
N GLY A 381 8.90 -4.07 -0.73
CA GLY A 381 8.85 -5.51 -0.60
C GLY A 381 7.82 -6.16 -1.50
N ARG A 382 6.62 -5.58 -1.60
CA ARG A 382 5.63 -6.12 -2.51
C ARG A 382 6.10 -6.05 -3.97
N MET A 383 6.87 -5.02 -4.32
CA MET A 383 7.40 -4.93 -5.67
C MET A 383 8.18 -6.19 -6.03
N CYS A 384 9.10 -6.59 -5.15
CA CYS A 384 9.86 -7.82 -5.38
C CYS A 384 8.95 -9.05 -5.39
N LEU A 385 8.04 -9.15 -4.43
CA LEU A 385 7.19 -10.33 -4.35
C LEU A 385 6.29 -10.45 -5.58
N GLU A 386 5.77 -9.32 -6.07
CA GLU A 386 4.91 -9.38 -7.25
C GLU A 386 5.66 -9.93 -8.45
N ILE A 387 6.88 -9.44 -8.69
CA ILE A 387 7.64 -9.90 -9.84
C ILE A 387 7.97 -11.39 -9.69
N ILE A 388 8.32 -11.81 -8.47
CA ILE A 388 8.58 -13.23 -8.23
C ILE A 388 7.37 -14.06 -8.58
N LYS A 389 6.18 -13.61 -8.19
CA LYS A 389 4.96 -14.37 -8.45
C LYS A 389 4.57 -14.35 -9.93
N ARG A 390 4.86 -13.25 -10.64
CA ARG A 390 4.39 -13.09 -12.01
C ARG A 390 5.31 -13.69 -13.06
N VAL A 391 6.57 -13.96 -12.71
CA VAL A 391 7.53 -14.47 -13.67
C VAL A 391 7.78 -15.94 -13.41
C1 DNO B . 1.59 9.53 2.43
C2 DNO B . 1.16 8.10 2.74
C3 DNO B . 0.64 7.42 1.46
C4 DNO B . 1.74 7.00 0.48
C5 DNO B . 2.50 5.74 0.86
C6 DNO B . 3.58 6.02 1.90
O1 DNO B . 1.20 10.42 3.10
O2 DNO B . 0.14 8.13 3.71
O3 DNO B . -0.17 8.34 0.79
O4 DNO B . 1.13 6.68 -0.74
O5 DNO B . 1.62 4.73 1.30
O6 DNO B . 3.34 5.12 2.93
C1 BMA C . -18.42 12.79 6.10
C2 BMA C . -18.35 12.51 7.59
C3 BMA C . -19.16 13.49 8.34
C4 BMA C . -18.75 14.91 8.04
C5 BMA C . -18.68 15.19 6.53
C6 BMA C . -18.10 16.55 6.30
O1 BMA C . -17.73 11.85 5.39
O2 BMA C . -16.99 12.64 8.03
O3 BMA C . -18.99 13.22 9.75
O4 BMA C . -19.70 15.81 8.61
O5 BMA C . -17.85 14.17 5.84
O6 BMA C . -17.92 16.74 4.91
C1 EDO D . 30.36 3.17 3.19
O1 EDO D . 31.51 2.78 3.95
C2 EDO D . 30.56 2.67 1.75
O2 EDO D . 31.16 1.38 1.79
#